data_7RND
#
_entry.id   7RND
#
_cell.length_a   50.306
_cell.length_b   68.609
_cell.length_c   81.803
_cell.angle_alpha   90.000
_cell.angle_beta   90.450
_cell.angle_gamma   90.000
#
_symmetry.space_group_name_H-M   'P 1 21 1'
#
loop_
_entity.id
_entity.type
_entity.pdbx_description
1 polymer 'Caspase-3 subunit p17'
2 polymer 'Caspase-3 subunit p12'
3 polymer Ac-VDPVD-CHO
4 water water
#
loop_
_entity_poly.entity_id
_entity_poly.type
_entity_poly.pdbx_seq_one_letter_code
_entity_poly.pdbx_strand_id
1 'polypeptide(L)'
;DNSYKMDYPEMGLCIIINNKNFHKSTGMTSRSGTDVDAANLRETFRNLKYEVRNKNDLTREEIVELMRDVSKEDHSKRSS
FVCVLLSHGEEGIIFGTNGPVDLKKITNFFRGDRCRSLTGKPKLFIIQACRGTELDCGIET
;
A,C
2 'polypeptide(L)'
;CHKIPVEADFLYAYSTAPGYYSWRNSKDGSWFIQSLCAMLKQYADKLEFMHILTRVNRKVATEFESFSFDATFHAKKQIP
CIVSMLTKELYFYHH
;
B,D
3 'polypeptide(L)' (ACE)VDPV(ASA) F,G
#
# COMPACT_ATOMS: atom_id res chain seq x y z
N ASP A 1 -19.01 0.79 12.63
CA ASP A 1 -19.55 0.52 11.28
C ASP A 1 -18.43 0.06 10.34
N ASN A 2 -18.60 -1.12 9.73
CA ASN A 2 -17.48 -1.81 9.10
C ASN A 2 -17.46 -1.73 7.58
N SER A 3 -18.51 -1.19 6.94
CA SER A 3 -18.58 -1.05 5.49
C SER A 3 -18.96 0.37 5.12
N TYR A 4 -18.29 0.91 4.10
CA TYR A 4 -18.68 2.21 3.59
C TYR A 4 -20.14 2.17 3.12
N LYS A 5 -20.91 3.14 3.56
CA LYS A 5 -22.22 3.41 2.97
C LYS A 5 -22.10 3.69 1.47
N MET A 6 -22.64 2.78 0.65
CA MET A 6 -22.61 2.90 -0.80
C MET A 6 -24.01 3.04 -1.39
N ASP A 7 -25.00 3.37 -0.56
CA ASP A 7 -26.36 3.57 -1.05
C ASP A 7 -26.74 5.05 -1.07
N TYR A 8 -25.77 5.92 -1.30
CA TYR A 8 -26.08 7.28 -1.70
C TYR A 8 -26.79 7.24 -3.05
N PRO A 9 -27.47 8.31 -3.44
CA PRO A 9 -28.14 8.31 -4.75
C PRO A 9 -27.22 8.03 -5.92
N GLU A 10 -25.95 8.42 -5.86
CA GLU A 10 -25.02 8.14 -6.94
C GLU A 10 -23.79 7.42 -6.40
N MET A 11 -23.30 6.44 -7.18
CA MET A 11 -22.05 5.79 -6.84
C MET A 11 -20.92 6.81 -6.77
N GLY A 12 -20.90 7.72 -7.73
CA GLY A 12 -19.88 8.76 -7.77
C GLY A 12 -19.31 8.98 -9.16
N LEU A 13 -18.32 9.87 -9.24
CA LEU A 13 -17.60 10.10 -10.48
C LEU A 13 -16.48 9.09 -10.66
N CYS A 14 -16.22 8.75 -11.91
CA CYS A 14 -15.04 7.97 -12.28
C CYS A 14 -14.34 8.79 -13.35
N ILE A 15 -13.29 9.51 -12.98
CA ILE A 15 -12.50 10.30 -13.93
C ILE A 15 -11.39 9.42 -14.49
N ILE A 16 -11.32 9.31 -15.83
CA ILE A 16 -10.29 8.53 -16.49
C ILE A 16 -9.41 9.47 -17.32
N ILE A 17 -8.17 9.65 -16.88
N ILE A 17 -8.16 9.66 -16.90
CA ILE A 17 -7.17 10.42 -17.62
CA ILE A 17 -7.22 10.47 -17.66
C ILE A 17 -6.38 9.44 -18.47
C ILE A 17 -6.34 9.54 -18.47
N ASN A 18 -6.50 9.57 -19.79
CA ASN A 18 -5.87 8.66 -20.73
C ASN A 18 -4.88 9.43 -21.58
N ASN A 19 -3.59 9.35 -21.24
CA ASN A 19 -2.57 10.06 -21.98
C ASN A 19 -1.85 9.06 -22.86
N LYS A 20 -2.07 9.17 -24.16
CA LYS A 20 -1.45 8.32 -25.17
C LYS A 20 -0.28 9.00 -25.87
N ASN A 21 -0.43 10.28 -26.23
CA ASN A 21 0.51 10.98 -27.10
C ASN A 21 1.14 12.12 -26.33
N PHE A 22 2.46 12.14 -26.31
CA PHE A 22 3.22 13.09 -25.53
C PHE A 22 4.01 14.01 -26.47
N HIS A 23 4.22 15.26 -26.03
CA HIS A 23 5.05 16.16 -26.81
C HIS A 23 6.39 15.51 -27.08
N LYS A 24 6.86 15.57 -28.32
CA LYS A 24 8.14 14.96 -28.63
C LYS A 24 9.29 15.59 -27.87
N SER A 25 9.17 16.86 -27.44
CA SER A 25 10.23 17.40 -26.59
C SER A 25 10.35 16.68 -25.24
N THR A 26 9.35 15.87 -24.84
CA THR A 26 9.52 15.13 -23.59
C THR A 26 10.39 13.88 -23.76
N GLY A 27 10.60 13.43 -24.99
CA GLY A 27 11.28 12.18 -25.23
C GLY A 27 10.46 10.94 -24.98
N MET A 28 9.15 11.05 -24.78
CA MET A 28 8.35 9.91 -24.37
C MET A 28 7.52 9.33 -25.51
N THR A 29 7.41 8.01 -25.50
CA THR A 29 6.81 7.23 -26.56
C THR A 29 5.30 7.17 -26.42
N SER A 30 4.61 7.07 -27.56
CA SER A 30 3.18 6.85 -27.59
C SER A 30 2.84 5.59 -26.81
N ARG A 31 1.70 5.61 -26.12
CA ARG A 31 1.33 4.50 -25.23
C ARG A 31 0.31 3.60 -25.91
N SER A 32 0.81 2.86 -26.92
CA SER A 32 -0.02 1.96 -27.69
C SER A 32 -0.76 0.97 -26.81
N GLY A 33 -2.06 0.81 -27.06
CA GLY A 33 -2.92 -0.02 -26.25
C GLY A 33 -3.68 0.71 -25.17
N THR A 34 -3.31 1.95 -24.84
CA THR A 34 -3.99 2.64 -23.75
C THR A 34 -5.44 2.98 -24.09
N ASP A 35 -5.78 3.15 -25.38
CA ASP A 35 -7.17 3.36 -25.75
C ASP A 35 -8.03 2.16 -25.39
N VAL A 36 -7.48 0.96 -25.59
CA VAL A 36 -8.18 -0.25 -25.17
C VAL A 36 -8.40 -0.24 -23.64
N ASP A 37 -7.39 0.18 -22.88
CA ASP A 37 -7.56 0.32 -21.43
C ASP A 37 -8.67 1.30 -21.10
N ALA A 38 -8.62 2.51 -21.68
CA ALA A 38 -9.60 3.55 -21.34
C ALA A 38 -11.02 3.07 -21.65
N ALA A 39 -11.18 2.31 -22.73
CA ALA A 39 -12.52 1.82 -23.07
C ALA A 39 -12.93 0.65 -22.19
N ASN A 40 -11.98 -0.20 -21.83
CA ASN A 40 -12.28 -1.25 -20.86
C ASN A 40 -12.76 -0.63 -19.55
N LEU A 41 -12.03 0.38 -19.07
CA LEU A 41 -12.37 1.02 -17.81
C LEU A 41 -13.73 1.70 -17.89
N ARG A 42 -14.04 2.33 -19.02
CA ARG A 42 -15.30 3.05 -19.12
C ARG A 42 -16.49 2.09 -19.03
N GLU A 43 -16.41 0.95 -19.70
CA GLU A 43 -17.51 0.00 -19.66
C GLU A 43 -17.61 -0.67 -18.28
N THR A 44 -16.47 -0.98 -17.66
CA THR A 44 -16.47 -1.59 -16.34
C THR A 44 -17.12 -0.67 -15.31
N PHE A 45 -16.69 0.58 -15.26
CA PHE A 45 -17.24 1.45 -14.23
C PHE A 45 -18.66 1.89 -14.57
N ARG A 46 -19.02 1.92 -15.86
CA ARG A 46 -20.42 2.09 -16.22
C ARG A 46 -21.30 0.99 -15.64
N ASN A 47 -20.85 -0.27 -15.70
CA ASN A 47 -21.66 -1.33 -15.12
C ASN A 47 -21.67 -1.31 -13.61
N LEU A 48 -20.72 -0.61 -12.98
CA LEU A 48 -20.79 -0.42 -11.52
C LEU A 48 -21.58 0.83 -11.13
N LYS A 49 -22.18 1.53 -12.11
CA LYS A 49 -23.04 2.70 -11.90
C LYS A 49 -22.26 3.96 -11.57
N TYR A 50 -21.02 4.08 -12.04
CA TYR A 50 -20.27 5.33 -11.88
C TYR A 50 -20.53 6.25 -13.06
N GLU A 51 -20.54 7.54 -12.77
CA GLU A 51 -20.60 8.56 -13.81
C GLU A 51 -19.19 8.73 -14.36
N VAL A 52 -18.92 8.09 -15.51
CA VAL A 52 -17.57 8.06 -16.08
C VAL A 52 -17.33 9.30 -16.93
N ARG A 53 -16.17 9.95 -16.73
CA ARG A 53 -15.73 11.03 -17.60
C ARG A 53 -14.33 10.70 -18.13
N ASN A 54 -14.23 10.45 -19.43
CA ASN A 54 -12.96 10.21 -20.09
C ASN A 54 -12.34 11.53 -20.56
N LYS A 55 -11.08 11.77 -20.17
CA LYS A 55 -10.32 12.91 -20.66
C LYS A 55 -9.05 12.38 -21.31
N ASN A 56 -8.71 12.92 -22.48
CA ASN A 56 -7.63 12.40 -23.30
C ASN A 56 -6.52 13.43 -23.46
N ASP A 57 -5.27 12.97 -23.38
CA ASP A 57 -4.09 13.73 -23.76
C ASP A 57 -4.06 15.10 -23.07
N LEU A 58 -3.96 15.07 -21.75
CA LEU A 58 -3.95 16.29 -20.94
C LEU A 58 -2.53 16.68 -20.59
N THR A 59 -2.22 17.97 -20.73
CA THR A 59 -0.97 18.49 -20.17
C THR A 59 -1.01 18.42 -18.65
N ARG A 60 0.16 18.66 -18.05
CA ARG A 60 0.24 18.69 -16.59
C ARG A 60 -0.65 19.78 -16.01
N GLU A 61 -0.77 20.90 -16.73
CA GLU A 61 -1.64 21.98 -16.30
C GLU A 61 -3.11 21.56 -16.36
N GLU A 62 -3.53 20.88 -17.42
CA GLU A 62 -4.92 20.49 -17.52
C GLU A 62 -5.28 19.39 -16.53
N ILE A 63 -4.31 18.56 -16.15
CA ILE A 63 -4.58 17.56 -15.11
C ILE A 63 -4.83 18.24 -13.78
N VAL A 64 -3.98 19.21 -13.42
CA VAL A 64 -4.15 19.86 -12.13
C VAL A 64 -5.43 20.69 -12.11
N GLU A 65 -5.75 21.39 -13.21
CA GLU A 65 -6.99 22.15 -13.25
C GLU A 65 -8.22 21.24 -13.19
N LEU A 66 -8.17 20.10 -13.90
CA LEU A 66 -9.31 19.19 -13.87
C LEU A 66 -9.55 18.63 -12.46
N MET A 67 -8.47 18.24 -11.78
CA MET A 67 -8.59 17.67 -10.45
C MET A 67 -9.06 18.72 -9.44
N ARG A 68 -8.50 19.93 -9.52
CA ARG A 68 -9.01 21.05 -8.74
C ARG A 68 -10.52 21.21 -8.93
N ASP A 69 -10.95 21.28 -10.19
CA ASP A 69 -12.36 21.52 -10.51
C ASP A 69 -13.24 20.39 -10.00
N VAL A 70 -12.85 19.14 -10.28
CA VAL A 70 -13.62 18.00 -9.79
C VAL A 70 -13.69 18.01 -8.27
N SER A 71 -12.58 18.34 -7.61
CA SER A 71 -12.55 18.37 -6.15
C SER A 71 -13.45 19.44 -5.57
N LYS A 72 -13.78 20.47 -6.36
CA LYS A 72 -14.63 21.56 -5.90
C LYS A 72 -16.11 21.30 -6.19
N GLU A 73 -16.44 20.17 -6.80
CA GLU A 73 -17.84 19.84 -7.02
C GLU A 73 -18.51 19.46 -5.71
N ASP A 74 -19.83 19.45 -5.74
CA ASP A 74 -20.62 18.96 -4.62
C ASP A 74 -20.78 17.47 -4.78
N HIS A 75 -20.05 16.70 -3.97
CA HIS A 75 -20.16 15.25 -4.01
C HIS A 75 -21.13 14.72 -2.96
N SER A 76 -21.97 15.59 -2.39
CA SER A 76 -22.77 15.21 -1.22
C SER A 76 -23.63 13.99 -1.48
N LYS A 77 -24.17 13.85 -2.68
CA LYS A 77 -25.04 12.73 -3.00
C LYS A 77 -24.28 11.56 -3.62
N ARG A 78 -22.95 11.57 -3.55
CA ARG A 78 -22.13 10.54 -4.17
C ARG A 78 -21.50 9.68 -3.10
N SER A 79 -21.47 8.36 -3.34
CA SER A 79 -20.94 7.44 -2.33
C SER A 79 -19.42 7.46 -2.27
N SER A 80 -18.76 7.77 -3.38
CA SER A 80 -17.34 7.48 -3.49
C SER A 80 -16.76 8.36 -4.59
N PHE A 81 -15.43 8.28 -4.78
CA PHE A 81 -14.78 8.92 -5.90
C PHE A 81 -13.70 8.02 -6.47
N VAL A 82 -13.65 7.91 -7.80
CA VAL A 82 -12.65 7.09 -8.48
C VAL A 82 -11.91 7.95 -9.50
N CYS A 83 -10.57 7.91 -9.42
CA CYS A 83 -9.71 8.54 -10.41
C CYS A 83 -8.78 7.48 -11.00
N VAL A 84 -8.76 7.37 -12.32
CA VAL A 84 -7.88 6.45 -13.03
C VAL A 84 -6.89 7.26 -13.86
N LEU A 85 -5.60 7.03 -13.66
CA LEU A 85 -4.53 7.74 -14.37
C LEU A 85 -3.75 6.74 -15.21
N LEU A 86 -3.74 6.94 -16.52
CA LEU A 86 -3.08 6.06 -17.48
C LEU A 86 -2.00 6.86 -18.19
N SER A 87 -0.73 6.67 -17.84
CA SER A 87 0.30 7.51 -18.44
C SER A 87 1.67 6.89 -18.20
N HIS A 88 2.70 7.59 -18.68
CA HIS A 88 4.05 7.35 -18.22
C HIS A 88 4.19 7.90 -16.81
N GLY A 89 5.20 7.41 -16.12
CA GLY A 89 5.44 7.91 -14.78
C GLY A 89 6.77 7.43 -14.27
N GLU A 90 7.13 7.98 -13.11
CA GLU A 90 8.25 7.60 -12.27
C GLU A 90 7.70 7.55 -10.85
N GLU A 91 8.54 7.15 -9.89
CA GLU A 91 8.06 7.06 -8.51
C GLU A 91 7.48 8.38 -8.05
N GLY A 92 6.23 8.34 -7.59
CA GLY A 92 5.55 9.52 -7.08
C GLY A 92 5.09 10.50 -8.12
N ILE A 93 5.18 10.15 -9.41
CA ILE A 93 5.04 11.12 -10.49
C ILE A 93 4.21 10.50 -11.60
N ILE A 94 3.23 11.25 -12.10
CA ILE A 94 2.50 10.91 -13.31
C ILE A 94 2.79 11.99 -14.34
N PHE A 95 2.90 11.61 -15.62
CA PHE A 95 3.23 12.58 -16.67
C PHE A 95 1.99 13.06 -17.40
N GLY A 96 1.85 14.38 -17.49
CA GLY A 96 1.00 14.94 -18.51
C GLY A 96 1.75 14.90 -19.82
N THR A 97 1.07 15.34 -20.89
CA THR A 97 1.66 15.22 -22.20
C THR A 97 2.92 16.05 -22.34
N ASN A 98 3.08 17.08 -21.51
CA ASN A 98 4.17 18.03 -21.62
C ASN A 98 5.14 17.99 -20.45
N GLY A 99 4.98 17.09 -19.48
CA GLY A 99 5.87 17.06 -18.33
C GLY A 99 5.27 16.48 -17.07
N PRO A 100 6.09 16.34 -16.03
CA PRO A 100 5.67 15.59 -14.85
C PRO A 100 4.76 16.39 -13.93
N VAL A 101 3.95 15.66 -13.19
CA VAL A 101 3.18 16.20 -12.07
C VAL A 101 3.22 15.20 -10.91
N ASP A 102 3.52 15.70 -9.71
CA ASP A 102 3.53 14.87 -8.51
C ASP A 102 2.15 14.28 -8.25
N LEU A 103 2.08 12.97 -8.00
CA LEU A 103 0.81 12.35 -7.62
C LEU A 103 0.25 12.98 -6.35
N LYS A 104 1.13 13.38 -5.44
CA LYS A 104 0.66 14.00 -4.20
C LYS A 104 -0.10 15.29 -4.47
N LYS A 105 0.25 16.03 -5.52
CA LYS A 105 -0.45 17.29 -5.77
C LYS A 105 -1.87 17.00 -6.28
N ILE A 106 -2.04 15.92 -7.03
CA ILE A 106 -3.36 15.48 -7.47
C ILE A 106 -4.21 15.04 -6.27
N THR A 107 -3.69 14.10 -5.47
CA THR A 107 -4.50 13.50 -4.42
C THR A 107 -4.79 14.48 -3.28
N ASN A 108 -3.92 15.48 -3.06
CA ASN A 108 -4.14 16.46 -1.99
C ASN A 108 -5.44 17.24 -2.18
N PHE A 109 -5.91 17.39 -3.41
CA PHE A 109 -7.16 18.10 -3.61
C PHE A 109 -8.32 17.43 -2.90
N PHE A 110 -8.22 16.11 -2.65
CA PHE A 110 -9.31 15.34 -2.09
C PHE A 110 -9.09 15.00 -0.63
N ARG A 111 -8.08 15.60 0.00
CA ARG A 111 -7.88 15.41 1.44
C ARG A 111 -9.15 15.71 2.20
N GLY A 112 -9.30 15.03 3.35
CA GLY A 112 -10.55 15.12 4.09
C GLY A 112 -10.96 16.54 4.44
N ASP A 113 -9.98 17.43 4.60
CA ASP A 113 -10.25 18.82 4.96
C ASP A 113 -10.35 19.75 3.77
N ARG A 114 -10.02 19.30 2.55
CA ARG A 114 -10.09 20.14 1.37
C ARG A 114 -11.23 19.77 0.42
N CYS A 115 -11.76 18.57 0.53
CA CYS A 115 -12.95 18.18 -0.23
C CYS A 115 -13.96 17.66 0.79
N ARG A 116 -14.73 18.58 1.36
CA ARG A 116 -15.55 18.25 2.51
C ARG A 116 -16.69 17.31 2.13
N SER A 117 -17.17 17.37 0.90
CA SER A 117 -18.26 16.49 0.51
C SER A 117 -17.79 15.07 0.20
N LEU A 118 -16.49 14.78 0.31
CA LEU A 118 -15.98 13.41 0.21
C LEU A 118 -15.37 12.93 1.52
N THR A 119 -15.41 13.74 2.57
CA THR A 119 -14.89 13.34 3.87
C THR A 119 -15.62 12.07 4.34
N GLY A 120 -14.85 11.09 4.81
CA GLY A 120 -15.44 9.83 5.23
C GLY A 120 -15.85 8.93 4.09
N LYS A 121 -15.56 9.29 2.86
CA LYS A 121 -15.98 8.47 1.74
C LYS A 121 -14.77 7.94 1.00
N PRO A 122 -14.86 6.74 0.45
CA PRO A 122 -13.69 6.13 -0.20
C PRO A 122 -13.30 6.87 -1.48
N LYS A 123 -12.00 7.18 -1.58
CA LYS A 123 -11.40 7.90 -2.70
C LYS A 123 -10.37 6.99 -3.35
N LEU A 124 -10.71 6.43 -4.51
CA LEU A 124 -9.90 5.41 -5.15
C LEU A 124 -9.09 6.00 -6.28
N PHE A 125 -7.79 5.80 -6.24
CA PHE A 125 -6.90 6.20 -7.33
C PHE A 125 -6.28 4.95 -7.95
N ILE A 126 -6.57 4.72 -9.23
N ILE A 126 -6.56 4.73 -9.22
CA ILE A 126 -6.03 3.60 -9.97
CA ILE A 126 -6.04 3.58 -9.96
C ILE A 126 -4.98 4.16 -10.92
C ILE A 126 -4.99 4.13 -10.93
N ILE A 127 -3.73 3.76 -10.72
N ILE A 127 -3.72 3.71 -10.74
CA ILE A 127 -2.58 4.38 -11.38
CA ILE A 127 -2.59 4.37 -11.37
C ILE A 127 -1.86 3.33 -12.21
C ILE A 127 -1.83 3.36 -12.22
N GLN A 128 -2.04 3.40 -13.53
CA GLN A 128 -1.29 2.59 -14.47
C GLN A 128 -0.16 3.48 -15.02
N ALA A 129 1.05 3.28 -14.49
CA ALA A 129 2.21 4.09 -14.85
C ALA A 129 3.45 3.45 -14.24
N CYS A 130 4.59 3.71 -14.86
CA CYS A 130 5.83 3.23 -14.28
C CYS A 130 6.12 3.95 -12.98
N ARG A 131 6.92 3.30 -12.12
CA ARG A 131 7.35 3.89 -10.85
C ARG A 131 8.86 3.80 -10.70
N GLY A 132 9.59 3.84 -11.81
CA GLY A 132 11.02 3.62 -11.84
C GLY A 132 11.37 2.75 -13.03
N THR A 133 12.62 2.29 -13.07
CA THR A 133 13.13 1.53 -14.19
C THR A 133 13.62 0.15 -13.80
N GLU A 134 13.26 -0.36 -12.63
CA GLU A 134 13.67 -1.71 -12.27
C GLU A 134 12.79 -2.72 -13.00
N LEU A 135 13.36 -3.88 -13.24
CA LEU A 135 12.70 -4.96 -13.96
C LEU A 135 12.67 -6.17 -13.04
N ASP A 136 11.52 -6.84 -12.99
CA ASP A 136 11.36 -8.03 -12.17
C ASP A 136 11.66 -9.23 -13.05
N CYS A 137 12.77 -9.92 -12.78
CA CYS A 137 13.12 -11.08 -13.58
C CYS A 137 12.35 -12.33 -13.20
N GLY A 138 11.63 -12.30 -12.08
CA GLY A 138 10.81 -13.43 -11.70
C GLY A 138 11.65 -14.61 -11.21
N ILE A 139 10.94 -15.65 -10.78
CA ILE A 139 11.53 -16.88 -10.28
C ILE A 139 10.58 -18.03 -10.59
N GLU A 140 11.16 -19.14 -11.03
CA GLU A 140 10.37 -20.33 -11.38
C GLU A 140 9.70 -20.91 -10.13
N THR A 141 8.49 -21.44 -10.32
CA THR A 141 7.71 -22.01 -9.23
C THR A 141 7.82 -23.53 -9.18
N HIS B 2 -14.58 12.33 16.85
CA HIS B 2 -14.42 13.78 16.80
C HIS B 2 -13.74 14.14 15.46
N LYS B 3 -12.48 13.74 15.26
CA LYS B 3 -11.77 14.01 14.02
C LYS B 3 -11.28 12.73 13.36
N ILE B 4 -11.05 12.80 12.05
CA ILE B 4 -10.36 11.73 11.32
C ILE B 4 -9.16 12.34 10.62
N PRO B 5 -8.15 11.54 10.31
CA PRO B 5 -6.99 12.07 9.58
C PRO B 5 -7.41 12.50 8.19
N VAL B 6 -6.73 13.53 7.67
CA VAL B 6 -7.08 14.02 6.34
C VAL B 6 -6.56 13.09 5.25
N GLU B 7 -5.65 12.19 5.56
CA GLU B 7 -5.20 11.16 4.63
C GLU B 7 -6.01 9.88 4.72
N ALA B 8 -7.04 9.82 5.57
CA ALA B 8 -7.81 8.59 5.69
C ALA B 8 -8.74 8.42 4.48
N ASP B 9 -9.12 7.16 4.24
CA ASP B 9 -10.12 6.79 3.25
C ASP B 9 -9.63 7.00 1.82
N PHE B 10 -8.32 6.93 1.61
CA PHE B 10 -7.73 6.84 0.30
C PHE B 10 -7.33 5.40 0.02
N LEU B 11 -7.47 4.99 -1.23
CA LEU B 11 -6.88 3.75 -1.69
C LEU B 11 -6.17 4.03 -3.00
N TYR B 12 -4.91 3.63 -3.08
CA TYR B 12 -4.10 3.80 -4.28
C TYR B 12 -3.83 2.42 -4.84
N ALA B 13 -4.42 2.12 -5.98
CA ALA B 13 -4.24 0.82 -6.61
C ALA B 13 -3.17 1.03 -7.69
N TYR B 14 -1.92 0.76 -7.33
CA TYR B 14 -0.80 0.93 -8.24
C TYR B 14 -0.61 -0.31 -9.09
N SER B 15 -0.31 -0.10 -10.37
CA SER B 15 -0.11 -1.20 -11.31
C SER B 15 1.16 -1.99 -11.03
N THR B 16 2.16 -1.40 -10.35
CA THR B 16 3.43 -2.08 -10.20
C THR B 16 4.05 -1.69 -8.87
N ALA B 17 5.02 -2.48 -8.43
CA ALA B 17 5.67 -2.25 -7.17
C ALA B 17 6.54 -0.99 -7.24
N PRO B 18 6.83 -0.36 -6.10
CA PRO B 18 7.67 0.84 -6.11
C PRO B 18 9.02 0.55 -6.74
N GLY B 19 9.48 1.47 -7.58
CA GLY B 19 10.76 1.33 -8.23
C GLY B 19 10.72 0.71 -9.62
N TYR B 20 9.64 0.02 -10.00
CA TYR B 20 9.64 -0.85 -11.17
C TYR B 20 8.92 -0.25 -12.36
N TYR B 21 9.29 -0.73 -13.56
CA TYR B 21 8.47 -0.53 -14.74
C TYR B 21 7.09 -1.17 -14.56
N SER B 22 6.13 -0.63 -15.30
CA SER B 22 4.81 -1.24 -15.45
C SER B 22 4.63 -1.61 -16.92
N TRP B 23 3.98 -2.74 -17.18
CA TRP B 23 3.96 -3.31 -18.53
C TRP B 23 2.60 -3.14 -19.21
N ARG B 24 2.66 -3.06 -20.53
CA ARG B 24 1.48 -2.81 -21.34
C ARG B 24 1.59 -3.65 -22.59
N ASN B 25 0.47 -4.16 -23.08
CA ASN B 25 0.40 -4.85 -24.35
C ASN B 25 -0.16 -3.89 -25.40
N SER B 26 0.53 -3.82 -26.54
CA SER B 26 0.17 -2.88 -27.61
C SER B 26 -1.25 -3.08 -28.10
N LYS B 27 -1.76 -4.31 -28.04
CA LYS B 27 -3.07 -4.63 -28.57
C LYS B 27 -4.12 -4.75 -27.49
N ASP B 28 -3.80 -5.38 -26.36
CA ASP B 28 -4.79 -5.71 -25.34
C ASP B 28 -4.84 -4.71 -24.19
N GLY B 29 -3.92 -3.75 -24.13
CA GLY B 29 -3.87 -2.82 -23.02
C GLY B 29 -2.91 -3.27 -21.94
N SER B 30 -2.84 -2.47 -20.87
CA SER B 30 -1.88 -2.79 -19.82
C SER B 30 -2.35 -4.01 -19.05
N TRP B 31 -1.36 -4.80 -18.60
CA TRP B 31 -1.65 -6.02 -17.85
C TRP B 31 -2.54 -5.74 -16.64
N PHE B 32 -2.24 -4.67 -15.91
CA PHE B 32 -2.99 -4.32 -14.73
C PHE B 32 -4.42 -3.95 -15.07
N ILE B 33 -4.62 -3.06 -16.04
CA ILE B 33 -5.98 -2.60 -16.32
C ILE B 33 -6.82 -3.73 -16.89
N GLN B 34 -6.24 -4.58 -17.75
N GLN B 34 -6.26 -4.51 -17.82
CA GLN B 34 -7.04 -5.69 -18.27
CA GLN B 34 -6.90 -5.74 -18.28
C GLN B 34 -7.32 -6.72 -17.19
C GLN B 34 -7.36 -6.57 -17.10
N SER B 35 -6.44 -6.88 -16.21
CA SER B 35 -6.75 -7.77 -15.09
C SER B 35 -7.76 -7.11 -14.16
N LEU B 36 -7.64 -5.80 -13.94
CA LEU B 36 -8.56 -5.15 -13.02
C LEU B 36 -9.98 -5.16 -13.56
N CYS B 37 -10.15 -4.91 -14.87
CA CYS B 37 -11.49 -4.91 -15.45
C CYS B 37 -12.10 -6.31 -15.41
N ALA B 38 -11.30 -7.34 -15.67
CA ALA B 38 -11.83 -8.71 -15.65
C ALA B 38 -12.29 -9.08 -14.25
N MET B 39 -11.47 -8.78 -13.25
CA MET B 39 -11.80 -9.16 -11.88
C MET B 39 -13.01 -8.38 -11.40
N LEU B 40 -13.10 -7.08 -11.73
CA LEU B 40 -14.28 -6.30 -11.35
C LEU B 40 -15.52 -6.86 -12.02
N LYS B 41 -15.45 -7.15 -13.31
CA LYS B 41 -16.57 -7.76 -14.01
C LYS B 41 -16.94 -9.10 -13.37
N GLN B 42 -15.96 -9.91 -13.02
CA GLN B 42 -16.34 -11.19 -12.46
C GLN B 42 -16.78 -11.12 -11.00
N TYR B 43 -16.23 -10.19 -10.20
CA TYR B 43 -16.39 -10.32 -8.74
C TYR B 43 -16.97 -9.10 -8.02
N ALA B 44 -17.26 -7.98 -8.70
CA ALA B 44 -17.72 -6.80 -7.97
C ALA B 44 -19.08 -7.02 -7.31
N ASP B 45 -19.86 -8.00 -7.76
CA ASP B 45 -21.13 -8.27 -7.09
C ASP B 45 -20.98 -9.22 -5.91
N LYS B 46 -19.79 -9.71 -5.63
CA LYS B 46 -19.59 -10.74 -4.60
C LYS B 46 -18.50 -10.41 -3.60
N LEU B 47 -17.37 -9.86 -4.04
CA LEU B 47 -16.20 -9.72 -3.20
C LEU B 47 -15.99 -8.29 -2.74
N GLU B 48 -15.37 -8.15 -1.59
CA GLU B 48 -14.91 -6.88 -1.08
C GLU B 48 -13.74 -6.39 -1.93
N PHE B 49 -13.62 -5.05 -2.05
CA PHE B 49 -12.69 -4.48 -3.02
C PHE B 49 -11.24 -4.95 -2.82
N MET B 50 -10.75 -4.99 -1.57
CA MET B 50 -9.38 -5.45 -1.35
C MET B 50 -9.18 -6.88 -1.86
N HIS B 51 -10.20 -7.72 -1.70
CA HIS B 51 -10.10 -9.09 -2.18
C HIS B 51 -10.12 -9.16 -3.71
N ILE B 52 -10.89 -8.29 -4.37
CA ILE B 52 -10.80 -8.19 -5.81
C ILE B 52 -9.39 -7.78 -6.23
N LEU B 53 -8.81 -6.79 -5.54
CA LEU B 53 -7.47 -6.33 -5.92
C LEU B 53 -6.43 -7.41 -5.67
N THR B 54 -6.62 -8.24 -4.64
CA THR B 54 -5.73 -9.38 -4.43
C THR B 54 -5.81 -10.38 -5.58
N ARG B 55 -6.99 -10.56 -6.17
CA ARG B 55 -7.11 -11.40 -7.37
C ARG B 55 -6.45 -10.75 -8.57
N VAL B 56 -6.50 -9.42 -8.65
CA VAL B 56 -5.77 -8.73 -9.72
C VAL B 56 -4.27 -8.96 -9.55
N ASN B 57 -3.75 -8.81 -8.34
CA ASN B 57 -2.35 -9.14 -8.07
C ASN B 57 -2.01 -10.54 -8.58
N ARG B 58 -2.86 -11.52 -8.28
CA ARG B 58 -2.53 -12.89 -8.68
C ARG B 58 -2.57 -13.05 -10.19
N LYS B 59 -3.60 -12.49 -10.84
CA LYS B 59 -3.71 -12.58 -12.29
C LYS B 59 -2.52 -11.93 -12.98
N VAL B 60 -2.15 -10.72 -12.55
CA VAL B 60 -0.99 -10.06 -13.16
C VAL B 60 0.28 -10.87 -12.92
N ALA B 61 0.44 -11.44 -11.72
CA ALA B 61 1.69 -12.10 -11.34
C ALA B 61 1.87 -13.45 -12.03
N THR B 62 0.78 -14.14 -12.31
CA THR B 62 0.89 -15.51 -12.80
C THR B 62 0.62 -15.63 -14.30
N GLU B 63 -0.20 -14.76 -14.87
CA GLU B 63 -0.62 -14.94 -16.25
C GLU B 63 0.13 -14.08 -17.25
N PHE B 64 0.95 -13.13 -16.80
CA PHE B 64 1.62 -12.25 -17.74
C PHE B 64 3.14 -12.38 -17.63
N GLU B 65 3.82 -12.38 -18.78
CA GLU B 65 5.27 -12.37 -18.83
C GLU B 65 5.69 -11.62 -20.08
N SER B 66 6.67 -10.72 -19.97
CA SER B 66 6.98 -9.89 -21.12
C SER B 66 7.67 -10.72 -22.21
N PHE B 67 7.37 -10.39 -23.46
CA PHE B 67 8.06 -10.94 -24.63
C PHE B 67 8.66 -9.77 -25.40
N SER B 68 9.97 -9.82 -25.61
CA SER B 68 10.67 -8.68 -26.20
C SER B 68 11.82 -9.19 -27.06
N PHE B 69 11.99 -8.59 -28.25
CA PHE B 69 13.18 -8.89 -29.04
C PHE B 69 14.44 -8.39 -28.36
N ASP B 70 14.31 -7.49 -27.40
CA ASP B 70 15.44 -6.96 -26.63
C ASP B 70 15.57 -7.80 -25.36
N ALA B 71 16.64 -8.60 -25.29
CA ALA B 71 16.82 -9.53 -24.18
C ALA B 71 16.78 -8.84 -22.83
N THR B 72 17.11 -7.55 -22.78
CA THR B 72 17.03 -6.80 -21.53
C THR B 72 15.59 -6.66 -21.04
N PHE B 73 14.61 -6.60 -21.94
CA PHE B 73 13.21 -6.47 -21.54
C PHE B 73 12.42 -7.75 -21.69
N HIS B 74 13.08 -8.88 -21.86
CA HIS B 74 12.40 -10.11 -22.21
C HIS B 74 12.21 -10.98 -20.97
N ALA B 75 11.06 -11.65 -20.90
CA ALA B 75 10.71 -12.58 -19.82
C ALA B 75 10.61 -11.90 -18.45
N LYS B 76 10.15 -10.65 -18.41
CA LYS B 76 9.98 -9.96 -17.14
C LYS B 76 8.56 -10.12 -16.57
N LYS B 77 8.43 -9.87 -15.28
CA LYS B 77 7.22 -10.10 -14.52
C LYS B 77 6.80 -8.80 -13.84
N GLN B 78 5.56 -8.79 -13.35
CA GLN B 78 4.99 -7.63 -12.72
C GLN B 78 4.12 -8.07 -11.55
N ILE B 79 4.22 -7.35 -10.42
CA ILE B 79 3.24 -7.48 -9.34
C ILE B 79 2.67 -6.10 -9.06
N PRO B 80 1.36 -5.93 -8.97
CA PRO B 80 0.80 -4.62 -8.59
C PRO B 80 0.97 -4.38 -7.09
N CYS B 81 0.58 -3.19 -6.66
CA CYS B 81 0.83 -2.68 -5.31
C CYS B 81 -0.43 -2.00 -4.81
N ILE B 82 -1.16 -2.66 -3.90
CA ILE B 82 -2.35 -2.09 -3.26
C ILE B 82 -1.92 -1.26 -2.06
N VAL B 83 -2.22 0.03 -2.07
CA VAL B 83 -1.90 0.90 -0.94
C VAL B 83 -3.22 1.40 -0.37
N SER B 84 -3.61 0.88 0.80
CA SER B 84 -4.91 1.20 1.36
C SER B 84 -4.75 2.04 2.61
N MET B 85 -5.28 3.27 2.57
CA MET B 85 -5.59 3.98 3.80
C MET B 85 -7.08 3.98 4.07
N LEU B 86 -7.78 2.91 3.68
CA LEU B 86 -9.20 2.81 3.90
C LEU B 86 -9.46 2.40 5.33
N THR B 87 -10.60 2.82 5.87
CA THR B 87 -10.98 2.49 7.23
C THR B 87 -12.20 1.58 7.31
N LYS B 88 -12.85 1.29 6.19
CA LYS B 88 -13.99 0.38 6.18
C LYS B 88 -13.88 -0.52 4.96
N GLU B 89 -14.73 -1.52 4.92
CA GLU B 89 -14.74 -2.40 3.78
C GLU B 89 -15.55 -1.82 2.62
N LEU B 90 -15.14 -2.11 1.39
CA LEU B 90 -15.75 -1.48 0.23
C LEU B 90 -16.39 -2.55 -0.63
N TYR B 91 -17.72 -2.54 -0.70
CA TYR B 91 -18.51 -3.38 -1.59
C TYR B 91 -19.22 -2.51 -2.61
N PHE B 92 -19.12 -2.87 -3.88
CA PHE B 92 -19.69 -2.06 -4.96
C PHE B 92 -21.20 -2.27 -5.18
N TYR B 93 -21.82 -3.25 -4.56
CA TYR B 93 -23.28 -3.40 -4.61
C TYR B 93 -23.92 -2.86 -3.33
N ASN C 2 -9.26 -17.54 -3.27
CA ASN C 2 -8.14 -18.45 -3.07
C ASN C 2 -7.23 -17.87 -1.96
N SER C 3 -6.62 -18.75 -1.18
CA SER C 3 -5.93 -18.31 0.01
C SER C 3 -4.67 -19.12 0.22
N TYR C 4 -3.71 -18.51 0.91
CA TYR C 4 -2.43 -19.15 1.15
C TYR C 4 -2.60 -20.44 1.95
N LYS C 5 -1.79 -21.44 1.59
CA LYS C 5 -1.68 -22.64 2.41
C LYS C 5 -1.06 -22.26 3.76
N MET C 6 -1.82 -22.42 4.83
CA MET C 6 -1.37 -22.06 6.16
C MET C 6 -1.25 -23.27 7.08
N ASP C 7 -1.28 -24.49 6.54
CA ASP C 7 -1.20 -25.69 7.36
C ASP C 7 0.07 -26.49 7.08
N TYR C 8 1.18 -25.79 6.84
CA TYR C 8 2.49 -26.38 7.01
C TYR C 8 2.65 -26.75 8.49
N PRO C 9 3.62 -27.62 8.83
CA PRO C 9 3.83 -27.95 10.25
C PRO C 9 3.98 -26.74 11.16
N GLU C 10 4.56 -25.64 10.67
CA GLU C 10 4.76 -24.45 11.48
C GLU C 10 4.17 -23.23 10.79
N MET C 11 3.67 -22.31 11.60
CA MET C 11 3.15 -21.07 11.05
C MET C 11 4.28 -20.23 10.49
N GLY C 12 5.44 -20.26 11.13
CA GLY C 12 6.60 -19.51 10.69
C GLY C 12 7.25 -18.75 11.84
N LEU C 13 8.31 -18.04 11.50
CA LEU C 13 9.00 -17.17 12.43
C LEU C 13 8.33 -15.81 12.51
N CYS C 14 8.36 -15.24 13.71
CA CYS C 14 8.02 -13.84 13.92
C CYS C 14 9.22 -13.16 14.57
N ILE C 15 9.98 -12.40 13.79
CA ILE C 15 11.14 -11.66 14.28
C ILE C 15 10.70 -10.26 14.69
N ILE C 16 10.88 -9.92 15.96
CA ILE C 16 10.58 -8.59 16.47
C ILE C 16 11.89 -7.90 16.79
N ILE C 17 12.20 -6.82 16.07
CA ILE C 17 13.36 -6.00 16.36
C ILE C 17 12.87 -4.75 17.08
N ASN C 18 13.27 -4.62 18.34
CA ASN C 18 12.78 -3.58 19.24
C ASN C 18 13.96 -2.68 19.61
N ASN C 19 14.06 -1.52 18.96
CA ASN C 19 15.12 -0.55 19.24
C ASN C 19 14.57 0.56 20.11
N LYS C 20 15.02 0.61 21.37
CA LYS C 20 14.59 1.61 22.34
C LYS C 20 15.63 2.70 22.56
N ASN C 21 16.90 2.32 22.67
CA ASN C 21 17.99 3.22 23.05
C ASN C 21 18.93 3.40 21.88
N PHE C 22 19.23 4.65 21.55
CA PHE C 22 20.03 5.00 20.39
C PHE C 22 21.32 5.69 20.81
N HIS C 23 22.37 5.46 20.03
CA HIS C 23 23.67 6.07 20.32
C HIS C 23 23.56 7.58 20.26
N LYS C 24 24.24 8.26 21.18
CA LYS C 24 24.15 9.71 21.25
C LYS C 24 24.59 10.37 19.95
N SER C 25 25.47 9.71 19.19
CA SER C 25 25.87 10.22 17.87
C SER C 25 24.68 10.39 16.93
N THR C 26 23.52 9.80 17.24
CA THR C 26 22.36 9.90 16.38
C THR C 26 21.41 11.03 16.77
N GLY C 27 21.44 11.46 18.04
CA GLY C 27 20.53 12.48 18.50
C GLY C 27 19.06 12.09 18.49
N MET C 28 18.76 10.80 18.66
CA MET C 28 17.39 10.32 18.65
C MET C 28 16.98 9.93 20.07
N THR C 29 15.83 10.42 20.50
CA THR C 29 15.37 10.18 21.86
C THR C 29 15.02 8.70 22.07
N SER C 30 15.10 8.26 23.32
CA SER C 30 14.73 6.89 23.66
C SER C 30 13.23 6.68 23.48
N ARG C 31 12.87 5.52 22.96
CA ARG C 31 11.50 5.28 22.49
C ARG C 31 10.69 4.65 23.62
N SER C 32 10.32 5.49 24.59
CA SER C 32 9.62 4.98 25.76
C SER C 32 8.25 4.42 25.37
N GLY C 33 7.93 3.24 25.88
CA GLY C 33 6.73 2.53 25.54
C GLY C 33 6.94 1.39 24.56
N THR C 34 8.08 1.33 23.89
CA THR C 34 8.28 0.31 22.87
C THR C 34 8.38 -1.09 23.49
N ASP C 35 8.83 -1.20 24.74
CA ASP C 35 8.86 -2.49 25.42
C ASP C 35 7.46 -3.06 25.56
N VAL C 36 6.49 -2.22 25.94
CA VAL C 36 5.09 -2.65 25.94
C VAL C 36 4.68 -3.18 24.57
N ASP C 37 5.06 -2.46 23.51
CA ASP C 37 4.78 -2.92 22.14
C ASP C 37 5.39 -4.30 21.91
N ALA C 38 6.69 -4.46 22.19
CA ALA C 38 7.37 -5.71 21.91
C ALA C 38 6.71 -6.86 22.66
N ALA C 39 6.31 -6.61 23.90
CA ALA C 39 5.69 -7.66 24.71
C ALA C 39 4.26 -7.93 24.23
N ASN C 40 3.53 -6.87 23.88
CA ASN C 40 2.20 -7.07 23.32
C ASN C 40 2.26 -7.90 22.04
N LEU C 41 3.26 -7.65 21.19
CA LEU C 41 3.40 -8.38 19.94
C LEU C 41 3.83 -9.82 20.19
N ARG C 42 4.70 -10.04 21.18
CA ARG C 42 5.15 -11.39 21.47
C ARG C 42 3.98 -12.28 21.88
N GLU C 43 3.14 -11.80 22.80
CA GLU C 43 1.98 -12.60 23.20
C GLU C 43 0.99 -12.78 22.04
N THR C 44 0.76 -11.73 21.25
CA THR C 44 -0.20 -11.83 20.14
C THR C 44 0.21 -12.90 19.16
N PHE C 45 1.46 -12.88 18.73
CA PHE C 45 1.88 -13.83 17.73
C PHE C 45 2.13 -15.23 18.30
N ARG C 46 2.39 -15.34 19.60
CA ARG C 46 2.39 -16.66 20.24
C ARG C 46 1.02 -17.30 20.14
N ASN C 47 -0.04 -16.51 20.29
CA ASN C 47 -1.38 -17.05 20.17
C ASN C 47 -1.75 -17.40 18.73
N LEU C 48 -1.04 -16.86 17.75
CA LEU C 48 -1.26 -17.29 16.36
C LEU C 48 -0.34 -18.44 15.95
N LYS C 49 0.43 -18.97 16.89
CA LYS C 49 1.31 -20.14 16.69
C LYS C 49 2.57 -19.82 15.91
N TYR C 50 3.07 -18.58 16.05
CA TYR C 50 4.35 -18.19 15.45
C TYR C 50 5.48 -18.42 16.46
N GLU C 51 6.62 -18.85 15.94
CA GLU C 51 7.86 -18.90 16.71
C GLU C 51 8.43 -17.49 16.80
N VAL C 52 8.23 -16.84 17.95
CA VAL C 52 8.64 -15.46 18.14
C VAL C 52 10.10 -15.39 18.57
N ARG C 53 10.85 -14.47 17.96
CA ARG C 53 12.21 -14.17 18.39
C ARG C 53 12.33 -12.66 18.61
N ASN C 54 12.35 -12.25 19.87
CA ASN C 54 12.55 -10.84 20.22
C ASN C 54 14.03 -10.50 20.21
N LYS C 55 14.37 -9.39 19.54
CA LYS C 55 15.72 -8.84 19.52
C LYS C 55 15.66 -7.38 19.95
N ASN C 56 16.59 -6.96 20.82
CA ASN C 56 16.56 -5.63 21.40
C ASN C 56 17.82 -4.84 21.03
N ASP C 57 17.63 -3.52 20.83
CA ASP C 57 18.72 -2.58 20.61
C ASP C 57 19.80 -3.09 19.65
N LEU C 58 19.47 -3.20 18.37
CA LEU C 58 20.37 -3.72 17.36
C LEU C 58 20.94 -2.56 16.55
N THR C 59 22.23 -2.63 16.27
CA THR C 59 22.82 -1.68 15.34
C THR C 59 22.38 -2.02 13.92
N ARG C 60 22.66 -1.09 13.00
CA ARG C 60 22.27 -1.31 11.62
C ARG C 60 22.96 -2.54 11.04
N GLU C 61 24.22 -2.77 11.42
CA GLU C 61 24.95 -3.96 11.00
C GLU C 61 24.34 -5.23 11.56
N GLU C 62 23.89 -5.19 12.82
CA GLU C 62 23.18 -6.30 13.44
C GLU C 62 21.86 -6.64 12.77
N ILE C 63 21.07 -5.65 12.38
CA ILE C 63 19.81 -5.93 11.71
C ILE C 63 20.08 -6.65 10.39
N VAL C 64 20.97 -6.10 9.57
CA VAL C 64 21.26 -6.68 8.26
C VAL C 64 21.78 -8.11 8.41
N GLU C 65 22.71 -8.33 9.34
CA GLU C 65 23.24 -9.67 9.57
C GLU C 65 22.17 -10.61 10.10
N LEU C 66 21.32 -10.14 11.01
CA LEU C 66 20.23 -10.99 11.49
C LEU C 66 19.26 -11.33 10.36
N MET C 67 18.88 -10.32 9.58
CA MET C 67 17.98 -10.57 8.46
C MET C 67 18.61 -11.48 7.44
N ARG C 68 19.89 -11.27 7.14
CA ARG C 68 20.59 -12.17 6.22
C ARG C 68 20.57 -13.60 6.74
N ASP C 69 20.86 -13.78 8.03
CA ASP C 69 20.90 -15.13 8.58
C ASP C 69 19.51 -15.77 8.61
N VAL C 70 18.49 -15.00 9.02
CA VAL C 70 17.13 -15.55 9.01
C VAL C 70 16.71 -15.94 7.61
N SER C 71 17.07 -15.14 6.61
CA SER C 71 16.67 -15.49 5.25
C SER C 71 17.40 -16.73 4.75
N LYS C 72 18.49 -17.13 5.39
CA LYS C 72 19.26 -18.29 4.94
C LYS C 72 18.82 -19.56 5.63
N GLU C 73 17.85 -19.46 6.53
CA GLU C 73 17.29 -20.62 7.19
C GLU C 73 16.43 -21.42 6.21
N ASP C 74 16.13 -22.65 6.60
CA ASP C 74 15.21 -23.50 5.84
C ASP C 74 13.80 -23.26 6.36
N HIS C 75 13.02 -22.49 5.60
CA HIS C 75 11.62 -22.24 5.94
C HIS C 75 10.67 -23.22 5.27
N SER C 76 11.19 -24.34 4.77
CA SER C 76 10.36 -25.27 4.01
C SER C 76 9.20 -25.81 4.83
N LYS C 77 9.38 -25.98 6.15
CA LYS C 77 8.25 -26.46 6.94
C LYS C 77 7.34 -25.33 7.45
N ARG C 78 7.61 -24.09 7.08
CA ARG C 78 6.91 -22.94 7.66
C ARG C 78 5.95 -22.32 6.66
N SER C 79 4.78 -21.88 7.15
CA SER C 79 3.74 -21.35 6.28
C SER C 79 4.01 -19.93 5.81
N SER C 80 4.77 -19.15 6.56
CA SER C 80 4.80 -17.71 6.35
C SER C 80 6.03 -17.16 7.06
N PHE C 81 6.18 -15.83 6.99
CA PHE C 81 7.26 -15.16 7.70
C PHE C 81 6.77 -13.79 8.13
N VAL C 82 7.01 -13.45 9.40
CA VAL C 82 6.62 -12.15 9.95
C VAL C 82 7.86 -11.45 10.51
N CYS C 83 8.06 -10.19 10.12
CA CYS C 83 9.10 -9.37 10.72
C CYS C 83 8.46 -8.08 11.20
N VAL C 84 8.75 -7.70 12.45
CA VAL C 84 8.24 -6.49 13.04
C VAL C 84 9.42 -5.60 13.43
N LEU C 85 9.39 -4.36 12.95
CA LEU C 85 10.45 -3.38 13.16
C LEU C 85 9.88 -2.26 14.00
N LEU C 86 10.47 -2.02 15.17
CA LEU C 86 10.01 -0.98 16.08
C LEU C 86 11.19 -0.05 16.28
N SER C 87 11.10 1.16 15.73
CA SER C 87 12.27 2.03 15.76
C SER C 87 11.91 3.41 15.26
N HIS C 88 12.90 4.30 15.32
N HIS C 88 12.90 4.30 15.29
CA HIS C 88 12.83 5.56 14.61
CA HIS C 88 12.81 5.58 14.61
C HIS C 88 12.97 5.29 13.11
C HIS C 88 13.07 5.36 13.13
N GLY C 89 12.52 6.23 12.31
CA GLY C 89 12.63 6.03 10.87
C GLY C 89 12.43 7.32 10.12
N GLU C 90 12.65 7.20 8.80
CA GLU C 90 12.31 8.18 7.80
C GLU C 90 11.70 7.41 6.64
N GLU C 91 11.29 8.12 5.59
CA GLU C 91 10.68 7.45 4.43
C GLU C 91 11.65 6.42 3.86
N GLY C 92 11.21 5.17 3.77
CA GLY C 92 12.05 4.12 3.26
C GLY C 92 13.17 3.65 4.17
N ILE C 93 13.25 4.16 5.39
CA ILE C 93 14.43 3.96 6.23
C ILE C 93 14.02 3.57 7.63
N ILE C 94 14.72 2.58 8.20
CA ILE C 94 14.57 2.15 9.58
C ILE C 94 15.91 2.36 10.26
N PHE C 95 15.89 2.79 11.52
CA PHE C 95 17.11 3.14 12.25
C PHE C 95 17.59 1.99 13.10
N GLY C 96 18.82 1.55 12.89
CA GLY C 96 19.52 0.83 13.93
C GLY C 96 19.89 1.80 15.04
N THR C 97 20.37 1.25 16.17
CA THR C 97 20.79 2.10 17.29
C THR C 97 21.85 3.12 16.89
N ASN C 98 22.62 2.86 15.85
CA ASN C 98 23.72 3.72 15.45
C ASN C 98 23.54 4.39 14.09
N GLY C 99 22.42 4.17 13.41
CA GLY C 99 22.19 4.82 12.14
C GLY C 99 21.16 4.16 11.25
N PRO C 100 20.91 4.76 10.09
CA PRO C 100 19.81 4.30 9.23
C PRO C 100 20.18 3.06 8.43
N VAL C 101 19.15 2.24 8.19
CA VAL C 101 19.20 1.12 7.25
C VAL C 101 18.06 1.32 6.26
N ASP C 102 18.36 1.17 4.98
CA ASP C 102 17.34 1.14 3.93
C ASP C 102 16.38 -0.01 4.21
N LEU C 103 15.07 0.25 4.19
CA LEU C 103 14.12 -0.86 4.35
C LEU C 103 14.23 -1.86 3.20
N LYS C 104 14.48 -1.37 1.99
CA LYS C 104 14.62 -2.27 0.85
C LYS C 104 15.75 -3.28 1.06
N LYS C 105 16.82 -2.88 1.76
CA LYS C 105 17.93 -3.80 2.02
C LYS C 105 17.48 -4.97 2.88
N ILE C 106 16.66 -4.70 3.90
CA ILE C 106 16.17 -5.76 4.77
C ILE C 106 15.27 -6.71 3.99
N THR C 107 14.28 -6.16 3.28
CA THR C 107 13.28 -7.00 2.63
C THR C 107 13.83 -7.73 1.42
N ASN C 108 14.90 -7.22 0.80
CA ASN C 108 15.47 -7.89 -0.38
C ASN C 108 16.00 -9.29 -0.04
N PHE C 109 16.39 -9.52 1.22
CA PHE C 109 16.85 -10.85 1.60
C PHE C 109 15.77 -11.90 1.40
N PHE C 110 14.50 -11.53 1.52
CA PHE C 110 13.41 -12.49 1.45
C PHE C 110 12.76 -12.50 0.09
N ARG C 111 13.42 -11.92 -0.89
CA ARG C 111 12.85 -11.74 -2.20
C ARG C 111 12.68 -13.14 -2.82
N GLY C 112 11.69 -13.27 -3.72
CA GLY C 112 11.29 -14.59 -4.19
C GLY C 112 12.42 -15.46 -4.70
N ASP C 113 13.49 -14.85 -5.24
CA ASP C 113 14.60 -15.59 -5.82
C ASP C 113 15.81 -15.72 -4.89
N ARG C 114 15.81 -15.04 -3.74
CA ARG C 114 16.92 -15.10 -2.78
C ARG C 114 16.60 -15.88 -1.53
N CYS C 115 15.34 -16.30 -1.35
CA CYS C 115 14.93 -17.09 -0.19
C CYS C 115 13.92 -18.11 -0.72
N ARG C 116 14.44 -19.19 -1.28
CA ARG C 116 13.60 -20.08 -2.07
C ARG C 116 12.60 -20.82 -1.21
N SER C 117 12.93 -21.09 0.05
CA SER C 117 12.00 -21.80 0.91
C SER C 117 10.84 -20.92 1.36
N LEU C 118 10.83 -19.64 1.02
CA LEU C 118 9.68 -18.79 1.28
C LEU C 118 8.97 -18.36 -0.01
N THR C 119 9.41 -18.86 -1.17
CA THR C 119 8.76 -18.49 -2.42
C THR C 119 7.32 -18.95 -2.41
N GLY C 120 6.40 -18.05 -2.76
CA GLY C 120 5.00 -18.37 -2.74
C GLY C 120 4.35 -18.28 -1.39
N LYS C 121 5.05 -17.79 -0.39
CA LYS C 121 4.50 -17.75 0.96
C LYS C 121 4.42 -16.30 1.44
N PRO C 122 3.40 -15.97 2.22
CA PRO C 122 3.24 -14.59 2.68
C PRO C 122 4.40 -14.15 3.56
N LYS C 123 4.99 -13.00 3.20
CA LYS C 123 6.06 -12.37 3.95
C LYS C 123 5.56 -11.01 4.43
N LEU C 124 5.31 -10.90 5.73
CA LEU C 124 4.64 -9.75 6.33
C LEU C 124 5.68 -8.94 7.10
N PHE C 125 5.84 -7.67 6.73
CA PHE C 125 6.68 -6.75 7.45
C PHE C 125 5.79 -5.71 8.13
N ILE C 126 5.92 -5.60 9.44
CA ILE C 126 5.13 -4.68 10.25
C ILE C 126 6.08 -3.62 10.78
N ILE C 127 5.88 -2.38 10.39
CA ILE C 127 6.88 -1.33 10.60
C ILE C 127 6.24 -0.22 11.43
N GLN C 128 6.67 -0.11 12.68
CA GLN C 128 6.31 1.01 13.55
C GLN C 128 7.53 1.94 13.57
N ALA C 129 7.45 3.02 12.79
CA ALA C 129 8.54 3.97 12.59
C ALA C 129 8.00 5.15 11.80
N CYS C 130 8.58 6.31 12.06
CA CYS C 130 8.18 7.48 11.31
C CYS C 130 8.56 7.30 9.84
N ARG C 131 7.87 8.05 8.98
CA ARG C 131 8.15 8.03 7.55
C ARG C 131 8.36 9.45 7.02
N GLY C 132 8.79 10.35 7.88
CA GLY C 132 8.82 11.76 7.55
C GLY C 132 8.51 12.57 8.79
N THR C 133 8.26 13.86 8.57
CA THR C 133 8.02 14.80 9.66
C THR C 133 6.69 15.54 9.49
N GLU C 134 5.81 15.06 8.62
CA GLU C 134 4.53 15.74 8.44
C GLU C 134 3.58 15.34 9.56
N LEU C 135 2.62 16.21 9.83
CA LEU C 135 1.63 16.03 10.87
C LEU C 135 0.25 16.13 10.25
N ASP C 136 -0.61 15.17 10.58
CA ASP C 136 -1.99 15.14 10.10
C ASP C 136 -2.85 15.92 11.08
N CYS C 137 -3.33 17.09 10.67
N CYS C 137 -3.31 17.11 10.65
CA CYS C 137 -4.13 17.90 11.59
CA CYS C 137 -4.15 17.95 11.50
C CYS C 137 -5.58 17.47 11.66
C CYS C 137 -5.51 17.31 11.77
N GLY C 138 -6.00 16.51 10.84
CA GLY C 138 -7.32 15.94 10.96
C GLY C 138 -8.41 16.87 10.49
N ILE C 139 -9.64 16.36 10.45
CA ILE C 139 -10.82 17.13 10.09
C ILE C 139 -11.98 16.63 10.91
N GLU C 140 -12.76 17.55 11.44
CA GLU C 140 -13.94 17.21 12.24
C GLU C 140 -15.00 16.53 11.38
N THR C 141 -15.79 15.67 12.02
CA THR C 141 -16.88 14.97 11.35
C THR C 141 -18.20 15.15 12.10
N HIS D 2 6.61 -20.89 -16.29
CA HIS D 2 5.79 -20.29 -15.25
C HIS D 2 6.65 -19.70 -14.13
N LYS D 3 6.62 -18.38 -14.00
CA LYS D 3 7.35 -17.67 -12.97
C LYS D 3 6.39 -16.79 -12.19
N ILE D 4 6.84 -16.33 -11.04
CA ILE D 4 6.14 -15.26 -10.32
C ILE D 4 7.12 -14.13 -10.12
N PRO D 5 6.63 -12.91 -9.92
CA PRO D 5 7.55 -11.81 -9.59
C PRO D 5 8.28 -12.09 -8.29
N VAL D 6 9.52 -11.64 -8.21
CA VAL D 6 10.28 -11.79 -6.97
C VAL D 6 9.81 -10.84 -5.88
N GLU D 7 9.04 -9.80 -6.23
CA GLU D 7 8.43 -8.90 -5.25
C GLU D 7 7.04 -9.32 -4.84
N ALA D 8 6.50 -10.40 -5.41
CA ALA D 8 5.18 -10.89 -5.02
C ALA D 8 5.21 -11.49 -3.62
N ASP D 9 4.04 -11.49 -2.99
CA ASP D 9 3.75 -12.14 -1.71
C ASP D 9 4.38 -11.43 -0.53
N PHE D 10 4.65 -10.13 -0.67
CA PHE D 10 5.03 -9.29 0.45
C PHE D 10 3.83 -8.47 0.89
N LEU D 11 3.74 -8.22 2.20
CA LEU D 11 2.81 -7.25 2.71
C LEU D 11 3.55 -6.37 3.71
N TYR D 12 3.47 -5.05 3.50
CA TYR D 12 4.06 -4.07 4.40
C TYR D 12 2.93 -3.35 5.13
N ALA D 13 2.82 -3.61 6.43
CA ALA D 13 1.84 -2.93 7.27
C ALA D 13 2.59 -1.80 7.98
N TYR D 14 2.51 -0.60 7.40
CA TYR D 14 3.15 0.59 7.94
C TYR D 14 2.22 1.26 8.93
N SER D 15 2.81 1.77 10.01
CA SER D 15 2.02 2.43 11.05
C SER D 15 1.45 3.76 10.60
N THR D 16 1.97 4.34 9.52
CA THR D 16 1.56 5.70 9.16
C THR D 16 1.76 5.93 7.66
N ALA D 17 1.14 6.99 7.17
CA ALA D 17 1.15 7.28 5.75
C ALA D 17 2.53 7.76 5.31
N PRO D 18 2.88 7.58 4.03
CA PRO D 18 4.17 8.08 3.56
C PRO D 18 4.34 9.56 3.89
N GLY D 19 5.53 9.92 4.37
CA GLY D 19 5.85 11.30 4.66
C GLY D 19 5.53 11.78 6.07
N TYR D 20 4.86 10.96 6.90
CA TYR D 20 4.28 11.42 8.16
C TYR D 20 5.01 10.83 9.38
N TYR D 21 4.84 11.54 10.49
CA TYR D 21 5.20 11.00 11.80
C TYR D 21 4.29 9.85 12.19
N SER D 22 4.83 8.94 12.99
CA SER D 22 4.06 7.86 13.60
C SER D 22 4.08 8.07 15.12
N TRP D 23 2.93 7.94 15.77
CA TRP D 23 2.80 8.35 17.17
C TRP D 23 2.87 7.16 18.14
N ARG D 24 3.35 7.46 19.34
CA ARG D 24 3.57 6.43 20.34
C ARG D 24 3.13 6.99 21.67
N ASN D 25 2.53 6.15 22.50
CA ASN D 25 2.13 6.53 23.85
C ASN D 25 3.15 5.97 24.83
N SER D 26 3.73 6.86 25.64
CA SER D 26 4.83 6.49 26.54
C SER D 26 4.48 5.33 27.45
N LYS D 27 3.22 5.17 27.80
CA LYS D 27 2.85 4.11 28.72
C LYS D 27 2.15 2.93 28.06
N ASP D 28 1.36 3.15 27.01
CA ASP D 28 0.64 2.06 26.37
C ASP D 28 1.32 1.55 25.10
N GLY D 29 2.36 2.22 24.61
CA GLY D 29 2.99 1.82 23.38
C GLY D 29 2.41 2.55 22.17
N SER D 30 2.86 2.12 20.99
CA SER D 30 2.47 2.87 19.79
C SER D 30 0.99 2.66 19.49
N TRP D 31 0.37 3.72 18.97
CA TRP D 31 -1.04 3.62 18.58
C TRP D 31 -1.26 2.44 17.65
N PHE D 32 -0.36 2.26 16.70
CA PHE D 32 -0.54 1.23 15.67
C PHE D 32 -0.38 -0.16 16.25
N ILE D 33 0.72 -0.40 16.97
CA ILE D 33 0.93 -1.72 17.54
C ILE D 33 -0.17 -2.06 18.54
N GLN D 34 -0.55 -1.09 19.39
CA GLN D 34 -1.70 -1.28 20.27
C GLN D 34 -2.91 -1.75 19.48
N SER D 35 -3.25 -1.02 18.41
CA SER D 35 -4.46 -1.34 17.68
C SER D 35 -4.31 -2.65 16.93
N LEU D 36 -3.12 -2.93 16.42
CA LEU D 36 -2.91 -4.18 15.67
C LEU D 36 -3.06 -5.41 16.56
N CYS D 37 -2.48 -5.37 17.76
CA CYS D 37 -2.59 -6.49 18.67
C CYS D 37 -4.03 -6.71 19.11
N ALA D 38 -4.75 -5.64 19.43
CA ALA D 38 -6.16 -5.77 19.77
C ALA D 38 -6.96 -6.38 18.62
N MET D 39 -6.77 -5.90 17.39
CA MET D 39 -7.62 -6.42 16.32
C MET D 39 -7.29 -7.87 15.98
N LEU D 40 -6.01 -8.23 15.99
CA LEU D 40 -5.65 -9.65 15.83
C LEU D 40 -6.26 -10.50 16.93
N LYS D 41 -6.16 -10.04 18.19
CA LYS D 41 -6.77 -10.79 19.29
C LYS D 41 -8.26 -10.97 19.06
N GLN D 42 -8.94 -9.91 18.66
CA GLN D 42 -10.38 -9.98 18.50
C GLN D 42 -10.83 -10.75 17.26
N TYR D 43 -10.07 -10.69 16.16
CA TYR D 43 -10.59 -11.15 14.87
C TYR D 43 -9.70 -12.12 14.10
N ALA D 44 -8.57 -12.56 14.65
CA ALA D 44 -7.72 -13.45 13.86
C ALA D 44 -8.40 -14.79 13.60
N ASP D 45 -9.36 -15.16 14.44
CA ASP D 45 -10.16 -16.37 14.25
C ASP D 45 -11.38 -16.13 13.37
N LYS D 46 -11.55 -14.92 12.81
CA LYS D 46 -12.80 -14.58 12.13
C LYS D 46 -12.63 -13.96 10.74
N LEU D 47 -11.57 -13.19 10.51
CA LEU D 47 -11.45 -12.32 9.35
C LEU D 47 -10.15 -12.57 8.61
N GLU D 48 -10.20 -12.38 7.30
CA GLU D 48 -9.00 -12.35 6.47
C GLU D 48 -8.11 -11.17 6.86
N PHE D 49 -6.80 -11.36 6.71
CA PHE D 49 -5.82 -10.43 7.29
C PHE D 49 -6.00 -8.99 6.79
N MET D 50 -6.31 -8.81 5.50
CA MET D 50 -6.53 -7.46 4.97
C MET D 50 -7.66 -6.73 5.69
N HIS D 51 -8.73 -7.46 5.99
CA HIS D 51 -9.87 -6.89 6.72
C HIS D 51 -9.51 -6.60 8.17
N ILE D 52 -8.66 -7.41 8.78
CA ILE D 52 -8.18 -7.07 10.12
C ILE D 52 -7.39 -5.77 10.08
N LEU D 53 -6.49 -5.63 9.10
CA LEU D 53 -5.69 -4.41 9.01
C LEU D 53 -6.56 -3.20 8.71
N THR D 54 -7.66 -3.40 8.01
CA THR D 54 -8.61 -2.31 7.78
C THR D 54 -9.25 -1.87 9.09
N ARG D 55 -9.57 -2.84 9.96
N ARG D 55 -9.55 -2.82 9.97
CA ARG D 55 -10.03 -2.47 11.30
CA ARG D 55 -10.04 -2.46 11.29
C ARG D 55 -8.96 -1.69 12.05
C ARG D 55 -8.97 -1.73 12.09
N VAL D 56 -7.70 -2.10 11.90
CA VAL D 56 -6.60 -1.36 12.52
C VAL D 56 -6.58 0.07 12.02
N ASN D 57 -6.75 0.26 10.70
CA ASN D 57 -6.80 1.60 10.15
C ASN D 57 -7.89 2.42 10.82
N ARG D 58 -9.09 1.85 10.95
CA ARG D 58 -10.19 2.58 11.58
C ARG D 58 -9.90 2.88 13.04
N LYS D 59 -9.42 1.88 13.77
CA LYS D 59 -9.15 2.09 15.19
C LYS D 59 -8.12 3.19 15.39
N VAL D 60 -7.01 3.13 14.66
CA VAL D 60 -5.99 4.17 14.78
C VAL D 60 -6.56 5.53 14.39
N ALA D 61 -7.31 5.57 13.29
CA ALA D 61 -7.79 6.84 12.75
C ALA D 61 -8.82 7.49 13.66
N THR D 62 -9.64 6.71 14.35
CA THR D 62 -10.78 7.27 15.04
C THR D 62 -10.61 7.36 16.54
N GLU D 63 -9.82 6.47 17.16
CA GLU D 63 -9.75 6.41 18.61
C GLU D 63 -8.51 7.10 19.19
N PHE D 64 -7.60 7.59 18.37
CA PHE D 64 -6.38 8.22 18.88
C PHE D 64 -6.28 9.64 18.37
N GLU D 65 -5.81 10.54 19.25
CA GLU D 65 -5.50 11.92 18.90
C GLU D 65 -4.39 12.38 19.84
N SER D 66 -3.43 13.14 19.31
CA SER D 66 -2.29 13.46 20.15
C SER D 66 -2.67 14.54 21.16
N PHE D 67 -2.03 14.47 22.32
CA PHE D 67 -2.14 15.50 23.35
C PHE D 67 -0.75 16.01 23.64
N SER D 68 -0.54 17.32 23.50
CA SER D 68 0.79 17.88 23.71
C SER D 68 0.68 19.29 24.26
N PHE D 69 1.55 19.61 25.24
CA PHE D 69 1.67 20.98 25.69
C PHE D 69 2.26 21.88 24.63
N ASP D 70 2.85 21.30 23.58
CA ASP D 70 3.42 22.03 22.48
C ASP D 70 2.38 22.08 21.37
N ALA D 71 1.80 23.25 21.14
CA ALA D 71 0.69 23.39 20.20
C ALA D 71 1.02 22.86 18.81
N THR D 72 2.30 22.89 18.42
CA THR D 72 2.71 22.32 17.14
C THR D 72 2.35 20.84 17.05
N PHE D 73 2.42 20.12 18.17
CA PHE D 73 2.23 18.68 18.18
C PHE D 73 0.91 18.25 18.79
N HIS D 74 -0.01 19.19 19.03
CA HIS D 74 -1.21 18.89 19.78
C HIS D 74 -2.38 18.58 18.85
N ALA D 75 -3.20 17.61 19.24
CA ALA D 75 -4.44 17.26 18.54
C ALA D 75 -4.19 16.75 17.12
N LYS D 76 -3.12 15.99 16.93
CA LYS D 76 -2.77 15.41 15.64
C LYS D 76 -3.31 13.98 15.49
N LYS D 77 -3.45 13.56 14.24
CA LYS D 77 -4.08 12.30 13.88
C LYS D 77 -3.11 11.41 13.07
N GLN D 78 -3.49 10.15 12.89
CA GLN D 78 -2.64 9.18 12.23
C GLN D 78 -3.52 8.19 11.49
N ILE D 79 -3.14 7.86 10.26
CA ILE D 79 -3.73 6.76 9.51
C ILE D 79 -2.61 5.80 9.10
N PRO D 80 -2.72 4.50 9.38
CA PRO D 80 -1.71 3.56 8.93
C PRO D 80 -1.85 3.32 7.42
N CYS D 81 -0.90 2.59 6.86
CA CYS D 81 -0.79 2.42 5.42
C CYS D 81 -0.50 0.95 5.10
N ILE D 82 -1.51 0.24 4.61
CA ILE D 82 -1.42 -1.16 4.23
C ILE D 82 -0.88 -1.24 2.80
N VAL D 83 0.27 -1.89 2.62
CA VAL D 83 0.87 -2.03 1.28
C VAL D 83 0.95 -3.51 0.95
N SER D 84 0.07 -3.97 0.08
CA SER D 84 -0.02 -5.41 -0.17
C SER D 84 0.45 -5.76 -1.57
N MET D 85 1.47 -6.62 -1.65
CA MET D 85 1.76 -7.34 -2.88
C MET D 85 1.39 -8.81 -2.74
N LEU D 86 0.38 -9.09 -1.92
CA LEU D 86 -0.07 -10.46 -1.77
C LEU D 86 -0.89 -10.87 -2.97
N THR D 87 -0.84 -12.16 -3.29
CA THR D 87 -1.60 -12.72 -4.39
C THR D 87 -2.75 -13.59 -3.94
N LYS D 88 -2.88 -13.80 -2.62
CA LYS D 88 -3.91 -14.66 -2.06
C LYS D 88 -4.41 -14.06 -0.75
N GLU D 89 -5.57 -14.54 -0.31
CA GLU D 89 -6.09 -14.17 1.00
C GLU D 89 -5.34 -14.91 2.10
N LEU D 90 -5.26 -14.29 3.27
CA LEU D 90 -4.46 -14.81 4.38
C LEU D 90 -5.36 -14.94 5.60
N TYR D 91 -5.60 -16.17 6.03
CA TYR D 91 -6.36 -16.46 7.25
C TYR D 91 -5.43 -17.10 8.26
N PHE D 92 -5.51 -16.68 9.51
CA PHE D 92 -4.71 -17.29 10.56
C PHE D 92 -5.39 -18.51 11.18
N TYR D 93 -6.63 -18.80 10.80
CA TYR D 93 -7.36 -19.92 11.40
C TYR D 93 -7.42 -21.14 10.50
N VAL E 2 2.55 -6.74 -23.39
CA VAL E 2 3.51 -7.81 -23.22
C VAL E 2 4.82 -7.35 -23.88
N ASP E 3 4.81 -6.15 -24.50
CA ASP E 3 6.03 -5.65 -25.15
C ASP E 3 6.54 -4.32 -24.58
N PRO E 4 5.75 -3.20 -24.54
CA PRO E 4 6.35 -1.94 -24.06
C PRO E 4 6.05 -1.59 -22.60
N VAL E 5 6.79 -0.64 -22.04
CA VAL E 5 6.68 -0.27 -20.63
C VAL E 5 6.14 1.15 -20.49
N VAL F 2 0.42 9.02 23.05
CA VAL F 2 -0.31 10.17 22.61
C VAL F 2 0.52 11.45 22.80
N ASP F 3 1.86 11.29 22.96
CA ASP F 3 2.71 12.47 23.10
C ASP F 3 4.08 12.46 22.40
N PRO F 4 4.82 11.32 22.24
CA PRO F 4 6.02 11.36 21.39
C PRO F 4 5.90 10.69 20.02
N VAL F 5 6.80 11.02 19.09
CA VAL F 5 6.75 10.57 17.70
C VAL F 5 7.96 9.69 17.39
#